data_4GR6
#
_entry.id   4GR6
#
_cell.length_a   91.770
_cell.length_b   63.300
_cell.length_c   57.320
_cell.angle_alpha   90.00
_cell.angle_beta   96.57
_cell.angle_gamma   90.00
#
_symmetry.space_group_name_H-M   'C 1 2 1'
#
loop_
_entity.id
_entity.type
_entity.pdbx_description
1 polymer AtRbcX2
2 non-polymer 1,2-ETHANEDIOL
3 water water
#
_entity_poly.entity_id   1
_entity_poly.type   'polypeptide(L)'
_entity_poly.pdbx_seq_one_letter_code
;MEDVAGNYDDTFGDVQKQIVNYFTYKAVRTVLHQLYEMNPPQYTWFYNHIITNRPTDGKRFLRALGKESQELAERVMITR
LHLYGKWIKKADHGKIYQEISDENLALMRERLMETVIWPSDDTNSR
;
_entity_poly.pdbx_strand_id   A,B
#
loop_
_chem_comp.id
_chem_comp.type
_chem_comp.name
_chem_comp.formula
EDO non-polymer 1,2-ETHANEDIOL 'C2 H6 O2'
#
# COMPACT_ATOMS: atom_id res chain seq x y z
N THR A 11 13.54 -1.70 10.88
CA THR A 11 13.32 -0.75 9.79
C THR A 11 12.27 -1.28 8.80
N PHE A 12 11.78 -0.40 7.93
CA PHE A 12 10.72 -0.73 6.98
C PHE A 12 9.40 -1.11 7.70
N GLY A 13 9.30 -0.77 8.99
CA GLY A 13 8.07 -0.97 9.72
C GLY A 13 6.93 -0.24 9.04
N ASP A 14 7.24 0.84 8.33
CA ASP A 14 6.20 1.54 7.62
C ASP A 14 5.68 0.66 6.49
N VAL A 15 6.58 -0.14 5.91
CA VAL A 15 6.19 -0.99 4.79
C VAL A 15 5.24 -2.06 5.32
N GLN A 16 5.61 -2.67 6.43
CA GLN A 16 4.75 -3.68 7.05
C GLN A 16 3.35 -3.11 7.32
N LYS A 17 3.30 -1.96 7.98
CA LYS A 17 2.02 -1.31 8.30
C LYS A 17 1.16 -1.09 7.06
N GLN A 18 1.77 -0.64 5.97
CA GLN A 18 1.03 -0.37 4.73
C GLN A 18 0.52 -1.66 4.06
N ILE A 19 1.35 -2.69 4.08
N ILE A 19 1.35 -2.69 4.07
CA ILE A 19 0.96 -4.00 3.55
CA ILE A 19 0.96 -3.98 3.55
C ILE A 19 -0.26 -4.48 4.32
C ILE A 19 -0.27 -4.48 4.32
N VAL A 20 -0.20 -4.40 5.63
CA VAL A 20 -1.31 -4.83 6.47
C VAL A 20 -2.57 -3.98 6.19
N ASN A 21 -2.40 -2.66 6.00
CA ASN A 21 -3.52 -1.82 5.62
C ASN A 21 -4.12 -2.28 4.32
N TYR A 22 -3.28 -2.55 3.34
CA TYR A 22 -3.79 -2.93 2.06
C TYR A 22 -4.55 -4.27 2.16
N PHE A 23 -4.03 -5.27 2.89
CA PHE A 23 -4.79 -6.53 2.96
C PHE A 23 -6.09 -6.34 3.72
N THR A 24 -6.12 -5.41 4.65
CA THR A 24 -7.34 -5.13 5.38
C THR A 24 -8.38 -4.58 4.42
N TYR A 25 -7.96 -3.65 3.58
CA TYR A 25 -8.84 -3.06 2.56
C TYR A 25 -9.30 -4.13 1.56
N LYS A 26 -8.38 -4.97 1.10
CA LYS A 26 -8.77 -6.03 0.19
C LYS A 26 -9.77 -6.99 0.89
N ALA A 27 -9.55 -7.27 2.19
CA ALA A 27 -10.53 -8.03 2.95
C ALA A 27 -11.91 -7.35 3.00
N VAL A 28 -11.93 -6.03 3.17
CA VAL A 28 -13.21 -5.32 3.23
C VAL A 28 -13.91 -5.50 1.90
N ARG A 29 -13.16 -5.33 0.82
CA ARG A 29 -13.75 -5.52 -0.51
C ARG A 29 -14.28 -6.94 -0.69
N THR A 30 -13.55 -7.92 -0.17
CA THR A 30 -14.00 -9.31 -0.31
C THR A 30 -15.31 -9.58 0.42
N VAL A 31 -15.41 -9.09 1.65
CA VAL A 31 -16.64 -9.21 2.41
C VAL A 31 -17.80 -8.45 1.74
N LEU A 32 -17.54 -7.23 1.21
CA LEU A 32 -18.59 -6.50 0.51
C LEU A 32 -19.13 -7.35 -0.64
N HIS A 33 -18.22 -7.94 -1.40
CA HIS A 33 -18.59 -8.78 -2.55
C HIS A 33 -19.43 -9.99 -2.09
N GLN A 34 -19.11 -10.56 -0.93
CA GLN A 34 -19.93 -11.65 -0.38
C GLN A 34 -21.32 -11.11 -0.07
N LEU A 35 -21.39 -10.02 0.70
CA LEU A 35 -22.68 -9.47 1.11
C LEU A 35 -23.57 -9.05 -0.08
N TYR A 36 -22.95 -8.57 -1.16
CA TYR A 36 -23.64 -7.97 -2.30
C TYR A 36 -24.74 -8.92 -2.81
N GLU A 37 -24.42 -10.21 -2.94
CA GLU A 37 -25.42 -11.18 -3.39
C GLU A 37 -26.08 -11.94 -2.24
N MET A 38 -25.32 -12.23 -1.18
CA MET A 38 -25.78 -13.18 -0.15
C MET A 38 -26.48 -12.53 1.02
N ASN A 39 -26.34 -11.21 1.18
CA ASN A 39 -26.94 -10.54 2.33
C ASN A 39 -27.15 -9.07 2.09
N PRO A 40 -28.10 -8.73 1.21
CA PRO A 40 -28.33 -7.33 0.82
C PRO A 40 -28.56 -6.33 1.98
N PRO A 41 -29.28 -6.72 3.05
CA PRO A 41 -29.43 -5.77 4.17
C PRO A 41 -28.08 -5.42 4.82
N GLN A 42 -27.22 -6.40 4.94
CA GLN A 42 -25.90 -6.18 5.54
C GLN A 42 -24.95 -5.47 4.59
N TYR A 43 -25.09 -5.72 3.29
CA TYR A 43 -24.32 -5.04 2.26
C TYR A 43 -24.56 -3.52 2.36
N THR A 44 -25.82 -3.10 2.35
CA THR A 44 -26.12 -1.67 2.35
C THR A 44 -25.69 -1.07 3.69
N TRP A 45 -25.88 -1.81 4.78
CA TRP A 45 -25.37 -1.37 6.08
C TRP A 45 -23.86 -1.15 6.05
N PHE A 46 -23.11 -2.11 5.54
CA PHE A 46 -21.63 -2.02 5.56
C PHE A 46 -21.09 -0.96 4.61
N TYR A 47 -21.64 -0.92 3.40
CA TYR A 47 -21.39 0.19 2.46
C TYR A 47 -21.56 1.57 3.14
N ASN A 48 -22.73 1.81 3.75
CA ASN A 48 -22.96 3.09 4.42
C ASN A 48 -21.98 3.33 5.59
N HIS A 49 -21.67 2.27 6.34
CA HIS A 49 -20.75 2.38 7.46
C HIS A 49 -19.40 2.88 7.01
N ILE A 50 -18.91 2.26 5.93
CA ILE A 50 -17.61 2.61 5.38
C ILE A 50 -17.51 4.06 4.87
N ILE A 51 -18.63 4.64 4.50
CA ILE A 51 -18.59 6.07 4.12
C ILE A 51 -17.93 6.87 5.24
N THR A 52 -18.22 6.56 6.50
CA THR A 52 -17.62 7.37 7.56
C THR A 52 -16.54 6.65 8.38
N ASN A 53 -16.29 5.40 8.08
CA ASN A 53 -15.17 4.72 8.69
C ASN A 53 -14.33 4.14 7.58
N ARG A 54 -13.37 4.89 7.08
CA ARG A 54 -12.62 4.45 5.90
C ARG A 54 -11.57 3.36 6.17
N PRO A 55 -11.42 2.38 5.26
CA PRO A 55 -10.42 1.31 5.46
C PRO A 55 -9.00 1.74 5.05
N THR A 56 -8.42 2.70 5.77
CA THR A 56 -7.08 3.19 5.45
C THR A 56 -6.04 2.71 6.48
N ASP A 57 -6.16 3.14 7.73
CA ASP A 57 -5.41 2.47 8.79
C ASP A 57 -6.20 1.25 9.25
N GLY A 58 -5.67 0.05 9.04
CA GLY A 58 -6.44 -1.17 9.25
C GLY A 58 -6.94 -1.29 10.66
N LYS A 59 -6.02 -1.10 11.59
CA LYS A 59 -6.34 -1.24 13.01
C LYS A 59 -7.42 -0.29 13.47
N ARG A 60 -7.32 0.96 13.03
CA ARG A 60 -8.28 1.97 13.46
C ARG A 60 -9.63 1.66 12.80
N PHE A 61 -9.59 1.21 11.57
CA PHE A 61 -10.82 0.83 10.89
C PHE A 61 -11.53 -0.32 11.63
N LEU A 62 -10.75 -1.34 12.00
CA LEU A 62 -11.31 -2.51 12.68
C LEU A 62 -11.85 -2.18 14.06
N ARG A 63 -11.18 -1.30 14.80
CA ARG A 63 -11.68 -0.90 16.12
C ARG A 63 -13.05 -0.24 16.02
N ALA A 64 -13.15 0.70 15.09
CA ALA A 64 -14.41 1.42 14.93
C ALA A 64 -15.50 0.50 14.38
N LEU A 65 -15.15 -0.37 13.45
CA LEU A 65 -16.16 -1.30 12.92
C LEU A 65 -16.68 -2.21 14.03
N GLY A 66 -15.75 -2.68 14.84
CA GLY A 66 -16.06 -3.56 15.94
C GLY A 66 -17.04 -2.98 16.94
N LYS A 67 -17.03 -1.66 17.12
CA LYS A 67 -17.97 -1.05 18.04
C LYS A 67 -19.43 -1.18 17.57
N GLU A 68 -19.63 -1.43 16.28
CA GLU A 68 -21.00 -1.48 15.70
C GLU A 68 -21.39 -2.84 15.19
N SER A 69 -20.41 -3.62 14.77
CA SER A 69 -20.66 -4.97 14.29
C SER A 69 -19.41 -5.82 14.46
N GLN A 70 -19.34 -6.51 15.58
CA GLN A 70 -18.21 -7.40 15.81
C GLN A 70 -18.15 -8.57 14.81
N GLU A 71 -19.29 -9.00 14.29
N GLU A 71 -19.31 -9.01 14.31
CA GLU A 71 -19.34 -10.06 13.28
CA GLU A 71 -19.35 -10.04 13.27
C GLU A 71 -18.68 -9.64 11.95
C GLU A 71 -18.57 -9.57 12.05
N LEU A 72 -18.94 -8.42 11.49
CA LEU A 72 -18.24 -7.94 10.32
C LEU A 72 -16.75 -7.71 10.58
N ALA A 73 -16.40 -7.19 11.76
CA ALA A 73 -14.99 -6.99 12.09
C ALA A 73 -14.30 -8.33 12.04
N GLU A 74 -14.96 -9.34 12.59
CA GLU A 74 -14.32 -10.65 12.63
C GLU A 74 -14.16 -11.25 11.25
N ARG A 75 -15.15 -11.03 10.38
CA ARG A 75 -15.04 -11.55 9.03
C ARG A 75 -13.89 -10.87 8.29
N VAL A 76 -13.73 -9.58 8.52
CA VAL A 76 -12.61 -8.85 7.90
C VAL A 76 -11.26 -9.32 8.46
N MET A 77 -11.20 -9.56 9.77
CA MET A 77 -9.96 -10.07 10.39
C MET A 77 -9.59 -11.42 9.82
N ILE A 78 -10.54 -12.33 9.71
CA ILE A 78 -10.21 -13.68 9.28
C ILE A 78 -9.79 -13.57 7.82
N THR A 79 -10.58 -12.80 7.06
CA THR A 79 -10.34 -12.72 5.63
C THR A 79 -8.99 -12.07 5.31
N ARG A 80 -8.61 -11.04 6.06
CA ARG A 80 -7.30 -10.42 5.77
C ARG A 80 -6.16 -11.33 6.02
N LEU A 81 -6.26 -12.11 7.09
CA LEU A 81 -5.20 -13.03 7.42
C LEU A 81 -5.12 -14.15 6.38
N HIS A 82 -6.25 -14.72 6.01
CA HIS A 82 -6.21 -15.80 5.01
C HIS A 82 -5.72 -15.32 3.64
N LEU A 83 -6.15 -14.13 3.24
CA LEU A 83 -5.62 -13.53 2.01
C LEU A 83 -4.11 -13.35 2.06
N TYR A 84 -3.60 -12.80 3.16
CA TYR A 84 -2.14 -12.66 3.32
C TYR A 84 -1.44 -14.00 3.22
N GLY A 85 -2.00 -15.01 3.90
CA GLY A 85 -1.49 -16.37 3.76
C GLY A 85 -1.40 -16.88 2.33
N LYS A 86 -2.45 -16.68 1.55
CA LYS A 86 -2.44 -17.16 0.16
C LYS A 86 -1.42 -16.39 -0.65
N TRP A 87 -1.34 -15.08 -0.38
CA TRP A 87 -0.38 -14.26 -1.08
C TRP A 87 1.05 -14.69 -0.83
N ILE A 88 1.43 -14.83 0.42
CA ILE A 88 2.82 -15.13 0.68
C ILE A 88 3.19 -16.52 0.19
N LYS A 89 2.21 -17.38 -0.06
CA LYS A 89 2.54 -18.73 -0.50
C LYS A 89 3.02 -18.73 -1.93
N LYS A 90 2.62 -17.72 -2.70
CA LYS A 90 3.00 -17.70 -4.11
C LYS A 90 3.79 -16.48 -4.54
N ALA A 91 3.84 -15.44 -3.71
CA ALA A 91 4.53 -14.21 -4.10
C ALA A 91 5.98 -14.51 -4.45
N ASP A 92 6.41 -13.95 -5.56
CA ASP A 92 7.78 -14.11 -6.02
C ASP A 92 8.43 -12.73 -6.03
N HIS A 93 9.14 -12.39 -4.96
CA HIS A 93 9.59 -11.01 -4.78
C HIS A 93 10.77 -10.67 -5.66
N GLY A 94 11.54 -11.69 -6.04
CA GLY A 94 12.58 -11.49 -7.03
C GLY A 94 11.94 -11.09 -8.34
N LYS A 95 10.82 -11.75 -8.69
CA LYS A 95 10.12 -11.37 -9.90
C LYS A 95 9.66 -9.91 -9.85
N ILE A 96 9.10 -9.47 -8.73
CA ILE A 96 8.59 -8.12 -8.64
C ILE A 96 9.74 -7.13 -8.82
N TYR A 97 10.88 -7.41 -8.21
CA TYR A 97 12.07 -6.57 -8.35
C TYR A 97 12.50 -6.45 -9.82
N GLN A 98 12.58 -7.59 -10.50
CA GLN A 98 12.95 -7.58 -11.92
C GLN A 98 11.97 -6.73 -12.70
N GLU A 99 10.69 -6.85 -12.36
CA GLU A 99 9.66 -6.08 -13.04
C GLU A 99 9.72 -4.56 -12.80
N ILE A 100 10.09 -4.15 -11.59
CA ILE A 100 10.20 -2.74 -11.30
C ILE A 100 11.34 -2.21 -12.15
N SER A 101 12.44 -2.95 -12.16
CA SER A 101 13.60 -2.62 -12.99
C SER A 101 13.24 -2.48 -14.48
N ASP A 102 12.54 -3.48 -15.01
CA ASP A 102 12.13 -3.47 -16.42
C ASP A 102 11.25 -2.25 -16.72
N GLU A 103 10.32 -1.97 -15.82
CA GLU A 103 9.48 -0.80 -15.97
C GLU A 103 10.32 0.50 -15.94
N ASN A 104 11.28 0.60 -15.02
CA ASN A 104 12.19 1.74 -15.00
C ASN A 104 12.81 1.94 -16.37
N LEU A 105 13.34 0.86 -16.95
CA LEU A 105 13.98 0.94 -18.27
C LEU A 105 13.01 1.34 -19.38
N ALA A 106 11.85 0.70 -19.41
CA ALA A 106 10.80 1.07 -20.36
C ALA A 106 10.50 2.56 -20.28
N LEU A 107 10.33 3.08 -19.08
CA LEU A 107 9.97 4.47 -18.90
C LEU A 107 11.08 5.35 -19.45
N MET A 108 12.32 4.96 -19.18
CA MET A 108 13.45 5.77 -19.60
C MET A 108 13.50 5.76 -21.12
N ARG A 109 13.18 4.62 -21.72
CA ARG A 109 13.13 4.53 -23.17
C ARG A 109 11.98 5.36 -23.81
N GLU A 110 10.84 5.47 -23.13
CA GLU A 110 9.76 6.34 -23.61
C GLU A 110 10.27 7.76 -23.77
N ARG A 111 11.07 8.22 -22.82
CA ARG A 111 11.63 9.58 -22.89
C ARG A 111 12.71 9.72 -23.98
N LEU A 112 13.41 8.63 -24.29
CA LEU A 112 14.37 8.65 -25.41
C LEU A 112 13.62 8.88 -26.74
N MET A 113 12.36 8.46 -26.77
CA MET A 113 11.55 8.57 -27.98
C MET A 113 10.83 9.92 -28.09
N GLU A 114 11.24 10.90 -27.30
CA GLU A 114 10.62 12.23 -27.34
N THR B 11 -6.10 -13.76 -7.10
CA THR B 11 -5.75 -12.49 -7.75
C THR B 11 -5.09 -11.51 -6.76
N PHE B 12 -3.79 -11.35 -6.90
CA PHE B 12 -3.04 -10.41 -6.07
C PHE B 12 -2.26 -9.38 -6.93
N GLY B 13 -2.64 -9.25 -8.20
CA GLY B 13 -2.10 -8.22 -9.07
C GLY B 13 -2.27 -6.85 -8.45
N ASP B 14 -3.43 -6.63 -7.83
CA ASP B 14 -3.66 -5.38 -7.13
C ASP B 14 -2.62 -5.14 -6.03
N VAL B 15 -2.18 -6.22 -5.38
CA VAL B 15 -1.22 -6.12 -4.28
C VAL B 15 0.17 -5.72 -4.76
N GLN B 16 0.63 -6.37 -5.82
CA GLN B 16 1.91 -6.09 -6.38
C GLN B 16 1.94 -4.60 -6.77
N LYS B 17 0.84 -4.12 -7.34
CA LYS B 17 0.80 -2.75 -7.86
C LYS B 17 0.81 -1.76 -6.71
N GLN B 18 0.01 -2.03 -5.68
CA GLN B 18 -0.06 -1.12 -4.56
C GLN B 18 1.30 -1.03 -3.85
N ILE B 19 2.04 -2.14 -3.84
CA ILE B 19 3.31 -2.19 -3.13
C ILE B 19 4.35 -1.37 -3.91
N VAL B 20 4.32 -1.49 -5.23
CA VAL B 20 5.19 -0.74 -6.10
C VAL B 20 4.86 0.73 -6.02
N ASN B 21 3.57 1.06 -5.99
CA ASN B 21 3.14 2.43 -5.77
C ASN B 21 3.70 2.98 -4.48
N TYR B 22 3.64 2.18 -3.41
CA TYR B 22 4.11 2.65 -2.11
C TYR B 22 5.64 2.92 -2.11
N PHE B 23 6.41 2.03 -2.75
CA PHE B 23 7.86 2.16 -2.81
C PHE B 23 8.22 3.38 -3.73
N THR B 24 7.37 3.64 -4.70
CA THR B 24 7.55 4.83 -5.56
C THR B 24 7.37 6.06 -4.69
N TYR B 25 6.30 6.06 -3.91
CA TYR B 25 6.01 7.11 -2.95
C TYR B 25 7.15 7.33 -1.95
N LYS B 26 7.64 6.24 -1.39
CA LYS B 26 8.72 6.31 -0.44
C LYS B 26 9.97 6.88 -1.12
N ALA B 27 10.24 6.48 -2.36
CA ALA B 27 11.39 7.01 -3.10
C ALA B 27 11.22 8.51 -3.40
N VAL B 28 10.00 8.94 -3.70
CA VAL B 28 9.72 10.40 -3.81
C VAL B 28 10.08 11.18 -2.54
N ARG B 29 9.64 10.70 -1.40
CA ARG B 29 9.97 11.32 -0.11
C ARG B 29 11.46 11.31 0.16
N THR B 30 12.12 10.22 -0.16
CA THR B 30 13.57 10.16 0.02
C THR B 30 14.28 11.22 -0.83
N VAL B 31 13.86 11.31 -2.08
CA VAL B 31 14.44 12.32 -2.98
C VAL B 31 14.12 13.73 -2.49
N LEU B 32 12.89 14.02 -2.13
CA LEU B 32 12.61 15.34 -1.58
C LEU B 32 13.46 15.67 -0.36
N HIS B 33 13.72 14.67 0.49
CA HIS B 33 14.53 14.92 1.68
C HIS B 33 15.96 15.29 1.29
N GLN B 34 16.52 14.59 0.30
CA GLN B 34 17.85 14.97 -0.22
C GLN B 34 17.86 16.42 -0.75
N LEU B 35 16.84 16.79 -1.50
CA LEU B 35 16.80 18.13 -2.10
C LEU B 35 16.64 19.21 -1.03
N TYR B 36 15.86 18.88 0.00
CA TYR B 36 15.63 19.82 1.08
C TYR B 36 16.97 20.24 1.69
N GLU B 37 17.88 19.27 1.85
CA GLU B 37 19.18 19.55 2.42
C GLU B 37 20.18 20.09 1.40
N MET B 38 20.23 19.45 0.24
CA MET B 38 21.34 19.61 -0.68
C MET B 38 21.01 20.52 -1.89
N ASN B 39 19.72 20.78 -2.16
CA ASN B 39 19.38 21.51 -3.38
C ASN B 39 18.04 22.27 -3.23
N PRO B 40 18.05 23.34 -2.43
CA PRO B 40 16.75 23.93 -2.08
C PRO B 40 15.91 24.43 -3.25
N PRO B 41 16.50 25.00 -4.33
CA PRO B 41 15.65 25.40 -5.46
C PRO B 41 14.92 24.22 -6.11
N GLN B 42 15.57 23.07 -6.18
CA GLN B 42 14.96 21.87 -6.74
C GLN B 42 13.92 21.25 -5.78
N TYR B 43 14.18 21.29 -4.49
CA TYR B 43 13.17 20.91 -3.49
C TYR B 43 11.87 21.72 -3.75
N THR B 44 12.00 23.03 -3.90
CA THR B 44 10.83 23.87 -4.12
C THR B 44 10.14 23.47 -5.41
N TRP B 45 10.93 23.27 -6.46
CA TRP B 45 10.38 22.88 -7.74
C TRP B 45 9.65 21.55 -7.63
N PHE B 46 10.28 20.55 -6.99
CA PHE B 46 9.73 19.21 -6.98
C PHE B 46 8.45 19.13 -6.12
N TYR B 47 8.50 19.82 -4.99
CA TYR B 47 7.42 19.91 -4.06
C TYR B 47 6.19 20.48 -4.77
N ASN B 48 6.40 21.58 -5.49
CA ASN B 48 5.33 22.22 -6.25
CA ASN B 48 5.34 22.22 -6.27
C ASN B 48 4.81 21.30 -7.35
N HIS B 49 5.72 20.58 -8.01
CA HIS B 49 5.33 19.62 -9.06
C HIS B 49 4.41 18.54 -8.49
N ILE B 50 4.75 18.08 -7.30
CA ILE B 50 4.03 16.96 -6.69
C ILE B 50 2.57 17.32 -6.33
N ILE B 51 2.33 18.58 -6.00
CA ILE B 51 0.97 19.08 -5.80
C ILE B 51 0.06 18.77 -6.99
N THR B 52 0.53 19.03 -8.20
CA THR B 52 -0.27 18.74 -9.40
C THR B 52 -0.07 17.32 -10.00
N ASN B 53 0.98 16.62 -9.61
CA ASN B 53 1.21 15.26 -10.11
C ASN B 53 1.53 14.37 -8.89
N ARG B 54 0.50 13.68 -8.40
CA ARG B 54 0.61 12.98 -7.14
C ARG B 54 1.25 11.60 -7.30
N PRO B 55 2.21 11.26 -6.41
CA PRO B 55 2.86 9.95 -6.50
C PRO B 55 1.87 8.80 -6.27
N THR B 56 0.70 8.86 -6.91
CA THR B 56 -0.39 7.89 -6.69
C THR B 56 -0.08 6.61 -7.44
N ASP B 57 -0.41 6.58 -8.73
CA ASP B 57 0.00 5.48 -9.59
C ASP B 57 1.44 5.66 -10.03
N GLY B 58 2.31 4.76 -9.61
CA GLY B 58 3.74 4.91 -9.82
C GLY B 58 4.14 5.18 -11.25
N LYS B 59 3.59 4.42 -12.18
CA LYS B 59 4.01 4.52 -13.58
C LYS B 59 3.57 5.85 -14.21
N ARG B 60 2.35 6.26 -13.89
CA ARG B 60 1.80 7.51 -14.41
C ARG B 60 2.56 8.67 -13.79
N PHE B 61 2.83 8.57 -12.51
CA PHE B 61 3.60 9.59 -11.84
C PHE B 61 4.96 9.76 -12.51
N LEU B 62 5.66 8.66 -12.70
CA LEU B 62 7.02 8.74 -13.27
C LEU B 62 7.04 9.23 -14.70
N ARG B 63 5.99 8.93 -15.44
CA ARG B 63 5.92 9.35 -16.83
C ARG B 63 5.77 10.87 -16.93
N ALA B 64 4.94 11.43 -16.06
CA ALA B 64 4.65 12.87 -16.11
C ALA B 64 5.84 13.64 -15.52
N LEU B 65 6.47 13.08 -14.50
CA LEU B 65 7.68 13.71 -13.93
C LEU B 65 8.79 13.76 -14.97
N GLY B 66 9.01 12.62 -15.63
CA GLY B 66 9.98 12.49 -16.69
C GLY B 66 9.84 13.49 -17.80
N LYS B 67 8.61 13.92 -18.09
CA LYS B 67 8.38 14.88 -19.18
C LYS B 67 8.88 16.27 -18.78
N GLU B 68 8.98 16.53 -17.47
CA GLU B 68 9.47 17.84 -16.99
C GLU B 68 10.92 17.82 -16.44
N SER B 69 11.35 16.67 -15.95
CA SER B 69 12.70 16.50 -15.42
C SER B 69 13.10 15.05 -15.52
N GLN B 70 13.81 14.65 -16.56
CA GLN B 70 14.33 13.28 -16.58
C GLN B 70 15.25 12.95 -15.39
N GLU B 71 16.03 13.91 -14.92
N GLU B 71 16.03 13.91 -14.91
CA GLU B 71 16.93 13.67 -13.78
CA GLU B 71 16.96 13.66 -13.79
C GLU B 71 16.13 13.16 -12.61
C GLU B 71 16.24 13.27 -12.51
N LEU B 72 15.14 13.93 -12.20
CA LEU B 72 14.41 13.62 -10.98
C LEU B 72 13.65 12.30 -11.15
N ALA B 73 13.13 12.06 -12.36
CA ALA B 73 12.46 10.80 -12.64
C ALA B 73 13.43 9.63 -12.48
N GLU B 74 14.63 9.76 -13.03
CA GLU B 74 15.64 8.70 -12.90
C GLU B 74 16.06 8.51 -11.45
N ARG B 75 16.17 9.61 -10.70
CA ARG B 75 16.52 9.48 -9.28
C ARG B 75 15.42 8.72 -8.52
N VAL B 76 14.16 9.04 -8.76
CA VAL B 76 13.07 8.28 -8.12
C VAL B 76 13.10 6.81 -8.56
N MET B 77 13.31 6.54 -9.85
CA MET B 77 13.39 5.16 -10.34
C MET B 77 14.47 4.33 -9.63
N ILE B 78 15.66 4.88 -9.60
CA ILE B 78 16.79 4.20 -8.99
C ILE B 78 16.52 3.94 -7.51
N THR B 79 15.98 4.95 -6.85
CA THR B 79 15.75 4.87 -5.42
C THR B 79 14.66 3.84 -5.10
N ARG B 80 13.57 3.84 -5.86
CA ARG B 80 12.47 2.92 -5.58
C ARG B 80 12.92 1.49 -5.73
N LEU B 81 13.73 1.21 -6.76
CA LEU B 81 14.24 -0.14 -6.96
C LEU B 81 15.22 -0.55 -5.85
N HIS B 82 16.12 0.35 -5.50
CA HIS B 82 17.06 0.11 -4.43
C HIS B 82 16.31 -0.19 -3.12
N LEU B 83 15.30 0.61 -2.80
CA LEU B 83 14.56 0.48 -1.55
C LEU B 83 13.83 -0.86 -1.54
N TYR B 84 13.26 -1.24 -2.69
CA TYR B 84 12.55 -2.51 -2.79
C TYR B 84 13.52 -3.67 -2.56
N GLY B 85 14.72 -3.56 -3.12
CA GLY B 85 15.74 -4.58 -2.95
C GLY B 85 16.20 -4.75 -1.51
N LYS B 86 16.35 -3.64 -0.80
CA LYS B 86 16.71 -3.70 0.63
C LYS B 86 15.58 -4.31 1.46
N TRP B 87 14.33 -4.00 1.14
CA TRP B 87 13.21 -4.57 1.89
C TRP B 87 13.16 -6.09 1.75
N ILE B 88 13.21 -6.59 0.51
CA ILE B 88 13.01 -8.03 0.32
C ILE B 88 14.17 -8.86 0.87
N LYS B 89 15.36 -8.29 0.93
CA LYS B 89 16.47 -8.97 1.60
C LYS B 89 16.18 -9.15 3.09
N LYS B 90 15.30 -8.32 3.64
CA LYS B 90 15.04 -8.26 5.08
C LYS B 90 13.69 -8.83 5.51
N ALA B 91 12.71 -8.84 4.59
CA ALA B 91 11.33 -9.01 4.98
C ALA B 91 11.12 -10.44 5.48
N ASP B 92 10.43 -10.57 6.59
CA ASP B 92 10.05 -11.88 7.09
C ASP B 92 8.52 -11.95 6.99
N HIS B 93 8.03 -12.56 5.92
CA HIS B 93 6.62 -12.57 5.67
C HIS B 93 5.86 -13.46 6.66
N GLY B 94 6.48 -14.57 7.07
CA GLY B 94 5.86 -15.42 8.06
C GLY B 94 5.66 -14.63 9.33
N LYS B 95 6.61 -13.78 9.68
CA LYS B 95 6.46 -12.96 10.88
C LYS B 95 5.32 -11.95 10.74
N ILE B 96 5.19 -11.34 9.56
CA ILE B 96 4.09 -10.42 9.33
C ILE B 96 2.74 -11.14 9.47
N TYR B 97 2.65 -12.36 8.93
CA TYR B 97 1.41 -13.13 9.03
C TYR B 97 1.08 -13.34 10.51
N GLN B 98 2.09 -13.70 11.27
CA GLN B 98 1.91 -13.97 12.71
C GLN B 98 1.45 -12.66 13.40
N GLU B 99 2.07 -11.54 13.03
CA GLU B 99 1.66 -10.26 13.65
C GLU B 99 0.23 -9.84 13.26
N ILE B 100 -0.23 -10.16 12.06
CA ILE B 100 -1.65 -9.98 11.78
C ILE B 100 -2.52 -10.83 12.69
N SER B 101 -2.17 -12.10 12.87
CA SER B 101 -2.97 -12.98 13.70
C SER B 101 -2.97 -12.45 15.14
N ASP B 102 -1.79 -11.99 15.58
CA ASP B 102 -1.67 -11.40 16.94
C ASP B 102 -2.57 -10.16 17.10
N GLU B 103 -2.54 -9.32 16.08
CA GLU B 103 -3.37 -8.10 16.09
C GLU B 103 -4.89 -8.42 16.04
N ASN B 104 -5.30 -9.42 15.24
CA ASN B 104 -6.70 -9.84 15.25
C ASN B 104 -7.13 -10.22 16.68
N LEU B 105 -6.31 -10.98 17.35
CA LEU B 105 -6.70 -11.48 18.66
C LEU B 105 -6.72 -10.31 19.65
N ALA B 106 -5.74 -9.42 19.52
CA ALA B 106 -5.67 -8.22 20.36
C ALA B 106 -6.92 -7.30 20.18
N LEU B 107 -7.42 -7.15 18.96
CA LEU B 107 -8.63 -6.35 18.73
C LEU B 107 -9.86 -7.01 19.32
N MET B 108 -9.88 -8.33 19.32
CA MET B 108 -10.99 -9.04 19.97
C MET B 108 -10.97 -8.85 21.49
N ARG B 109 -9.78 -8.89 22.08
CA ARG B 109 -9.60 -8.62 23.50
C ARG B 109 -10.09 -7.21 23.84
N GLU B 110 -9.77 -6.23 23.02
CA GLU B 110 -10.25 -4.87 23.28
C GLU B 110 -11.78 -4.87 23.41
N ARG B 111 -12.46 -5.71 22.63
CA ARG B 111 -13.94 -5.76 22.71
C ARG B 111 -14.41 -6.19 24.09
N LEU B 112 -13.76 -7.21 24.68
CA LEU B 112 -14.15 -7.70 26.00
C LEU B 112 -13.99 -6.60 27.04
N MET B 113 -13.06 -5.69 26.78
CA MET B 113 -12.78 -4.61 27.71
C MET B 113 -13.97 -3.68 27.80
N GLU B 114 -14.56 -3.35 26.64
CA GLU B 114 -15.79 -2.59 26.59
C GLU B 114 -16.96 -3.46 27.01
N THR B 115 -16.89 -3.98 28.25
CA THR B 115 -17.88 -4.93 28.77
C THR B 115 -18.08 -4.79 30.29
C1 EDO C . 5.67 -18.68 11.10
O1 EDO C . 4.43 -18.16 10.60
C2 EDO C . 6.25 -17.74 12.14
O2 EDO C . 7.18 -16.81 11.55
#